data_8H18
#
_entry.id   8H18
#
_cell.length_a   96.298
_cell.length_b   96.298
_cell.length_c   61.455
_cell.angle_alpha   90.000
_cell.angle_beta   90.000
_cell.angle_gamma   120.000
#
_symmetry.space_group_name_H-M   'H 3'
#
loop_
_entity.id
_entity.type
_entity.pdbx_description
1 polymer DnaQ
2 non-polymer GLYCEROL
3 non-polymer 'MAGNESIUM ION'
4 water water
#
_entity_poly.entity_id   1
_entity_poly.type   'polypeptide(L)'
_entity_poly.pdbx_seq_one_letter_code
;GGTGSGSKPYVVIDIETDGLDEKKNTIIEIGAVKFNGQQVEEFNALIKYEEKLPPTIFKLTGISKSLLDQEGRDLKEVLS
EFLLFIGDLTLVGYNIHFDIQFINNKLNKFGLPLLINKTHDIMRYVKDEKLFLDNYQLQTALKSYGIEDSVPHRALKDAR
LIYHLSTKVNKFLARMKEKS
;
_entity_poly.pdbx_strand_id   A
#
loop_
_chem_comp.id
_chem_comp.type
_chem_comp.name
_chem_comp.formula
GOL non-polymer GLYCEROL 'C3 H8 O3'
MG non-polymer 'MAGNESIUM ION' 'Mg 2'
#
# COMPACT_ATOMS: atom_id res chain seq x y z
N GLY A 6 7.91 -12.29 -19.74
CA GLY A 6 7.49 -11.00 -19.22
C GLY A 6 7.78 -10.83 -17.74
N SER A 7 6.97 -9.97 -17.09
CA SER A 7 7.17 -9.67 -15.68
C SER A 7 6.96 -10.91 -14.80
N LYS A 8 7.74 -10.95 -13.71
CA LYS A 8 7.43 -11.89 -12.64
C LYS A 8 6.21 -11.38 -11.89
N PRO A 9 5.55 -12.23 -11.09
CA PRO A 9 4.44 -11.75 -10.28
C PRO A 9 4.90 -10.80 -9.19
N TYR A 10 4.02 -9.89 -8.81
CA TYR A 10 4.28 -9.01 -7.68
C TYR A 10 2.98 -8.38 -7.21
N VAL A 11 3.01 -7.85 -5.98
CA VAL A 11 1.83 -7.26 -5.37
C VAL A 11 2.20 -5.88 -4.85
N VAL A 12 1.52 -4.86 -5.37
CA VAL A 12 1.65 -3.50 -4.86
C VAL A 12 0.73 -3.37 -3.66
N ILE A 13 1.27 -2.87 -2.54
CA ILE A 13 0.51 -2.75 -1.30
C ILE A 13 0.44 -1.29 -0.86
N ASP A 14 -0.63 -0.97 -0.14
CA ASP A 14 -0.83 0.37 0.40
C ASP A 14 -1.81 0.30 1.55
N ILE A 15 -1.53 1.06 2.60
CA ILE A 15 -2.46 1.17 3.73
C ILE A 15 -2.75 2.63 4.02
N GLU A 16 -3.87 2.84 4.70
CA GLU A 16 -4.14 4.08 5.40
C GLU A 16 -4.24 3.78 6.89
N THR A 17 -3.76 4.72 7.71
CA THR A 17 -3.67 4.55 9.14
C THR A 17 -4.28 5.78 9.81
N ASP A 18 -4.44 5.72 11.12
CA ASP A 18 -4.93 6.89 11.85
C ASP A 18 -3.80 7.69 12.48
N GLY A 19 -2.57 7.42 12.09
CA GLY A 19 -1.41 8.11 12.63
C GLY A 19 -0.15 7.43 12.18
N LEU A 20 0.99 7.96 12.64
CA LEU A 20 2.27 7.52 12.12
C LEU A 20 2.98 6.49 12.99
N ASP A 21 2.48 6.17 14.17
CA ASP A 21 3.17 5.30 15.12
C ASP A 21 2.69 3.87 14.93
N GLU A 22 3.60 3.01 14.45
CA GLU A 22 3.26 1.62 14.13
C GLU A 22 2.73 0.86 15.32
N LYS A 23 3.11 1.27 16.54
CA LYS A 23 2.74 0.52 17.75
C LYS A 23 1.55 1.11 18.50
N LYS A 24 1.26 2.41 18.37
CA LYS A 24 0.11 3.01 19.04
C LYS A 24 -1.05 3.33 18.11
N ASN A 25 -0.78 3.61 16.84
CA ASN A 25 -1.80 3.86 15.84
C ASN A 25 -2.15 2.55 15.14
N THR A 26 -3.17 2.60 14.28
CA THR A 26 -3.66 1.37 13.66
C THR A 26 -4.01 1.59 12.19
N ILE A 27 -4.32 0.47 11.54
CA ILE A 27 -4.68 0.45 10.13
C ILE A 27 -6.18 0.66 10.00
N ILE A 28 -6.57 1.59 9.13
CA ILE A 28 -7.98 1.81 8.82
C ILE A 28 -8.38 1.34 7.43
N GLU A 29 -7.41 1.10 6.53
CA GLU A 29 -7.73 0.53 5.23
C GLU A 29 -6.49 -0.13 4.67
N ILE A 30 -6.70 -1.28 4.01
N ILE A 30 -6.68 -1.24 3.96
CA ILE A 30 -5.65 -2.00 3.31
CA ILE A 30 -5.57 -1.96 3.33
C ILE A 30 -6.07 -2.11 1.85
C ILE A 30 -5.98 -2.34 1.91
N GLY A 31 -5.11 -2.02 0.95
CA GLY A 31 -5.38 -2.28 -0.45
C GLY A 31 -4.17 -2.87 -1.13
N ALA A 32 -4.42 -3.65 -2.18
CA ALA A 32 -3.32 -4.27 -2.89
C ALA A 32 -3.73 -4.56 -4.33
N VAL A 33 -2.75 -4.43 -5.22
CA VAL A 33 -2.92 -4.76 -6.64
C VAL A 33 -1.88 -5.83 -6.95
N LYS A 34 -2.36 -7.03 -7.28
CA LYS A 34 -1.49 -8.18 -7.53
C LYS A 34 -1.44 -8.44 -9.03
N PHE A 35 -0.24 -8.43 -9.60
CA PHE A 35 -0.04 -9.02 -10.92
C PHE A 35 0.40 -10.46 -10.69
N ASN A 36 -0.46 -11.41 -11.03
CA ASN A 36 -0.26 -12.80 -10.64
C ASN A 36 0.61 -13.57 -11.61
N GLY A 37 1.22 -12.87 -12.58
CA GLY A 37 1.97 -13.48 -13.66
C GLY A 37 1.21 -13.53 -14.96
N GLN A 38 -0.12 -13.53 -14.90
CA GLN A 38 -0.97 -13.53 -16.07
C GLN A 38 -1.84 -12.29 -16.14
N GLN A 39 -2.51 -11.93 -15.03
CA GLN A 39 -3.37 -10.77 -15.02
C GLN A 39 -3.42 -10.17 -13.62
N VAL A 40 -4.21 -9.09 -13.49
CA VAL A 40 -4.29 -8.29 -12.27
C VAL A 40 -5.46 -8.74 -11.42
N GLU A 41 -5.23 -8.81 -10.10
CA GLU A 41 -6.27 -9.00 -9.11
C GLU A 41 -6.14 -7.90 -8.07
N GLU A 42 -7.22 -7.67 -7.32
CA GLU A 42 -7.27 -6.60 -6.34
C GLU A 42 -7.79 -7.09 -4.99
N PHE A 43 -7.34 -6.41 -3.94
CA PHE A 43 -7.72 -6.67 -2.55
C PHE A 43 -7.98 -5.31 -1.89
N ASN A 44 -9.08 -5.20 -1.14
CA ASN A 44 -9.33 -3.98 -0.40
C ASN A 44 -10.28 -4.25 0.76
N ALA A 45 -9.95 -3.68 1.91
CA ALA A 45 -10.84 -3.71 3.05
C ALA A 45 -10.64 -2.48 3.92
N LEU A 46 -11.76 -1.87 4.31
CA LEU A 46 -11.77 -0.94 5.42
C LEU A 46 -11.83 -1.74 6.71
N ILE A 47 -11.33 -1.14 7.79
CA ILE A 47 -11.10 -1.84 9.04
C ILE A 47 -12.02 -1.28 10.11
N LYS A 48 -12.73 -2.15 10.81
CA LYS A 48 -13.54 -1.69 11.94
C LYS A 48 -12.65 -1.02 12.98
N TYR A 49 -13.19 0.03 13.60
CA TYR A 49 -12.39 0.97 14.38
C TYR A 49 -13.20 1.40 15.59
N GLU A 50 -12.61 1.26 16.77
CA GLU A 50 -13.32 1.59 18.00
C GLU A 50 -12.78 2.84 18.70
N GLU A 51 -11.78 3.49 18.12
CA GLU A 51 -11.18 4.66 18.73
C GLU A 51 -11.80 5.93 18.18
N LYS A 52 -11.18 7.07 18.50
CA LYS A 52 -11.67 8.38 18.08
C LYS A 52 -10.84 8.81 16.88
N LEU A 53 -11.42 8.72 15.70
CA LEU A 53 -10.69 9.00 14.48
C LEU A 53 -10.36 10.47 14.38
N PRO A 54 -9.08 10.85 14.30
CA PRO A 54 -8.72 12.27 14.24
C PRO A 54 -9.33 12.94 13.01
N PRO A 55 -10.17 13.98 13.21
CA PRO A 55 -10.74 14.67 12.03
C PRO A 55 -9.73 15.03 10.96
N THR A 56 -8.44 15.14 11.31
CA THR A 56 -7.41 15.30 10.30
C THR A 56 -7.41 14.14 9.30
N ILE A 57 -7.69 12.92 9.79
CA ILE A 57 -7.80 11.77 8.90
C ILE A 57 -8.92 11.99 7.89
N PHE A 58 -10.03 12.57 8.34
CA PHE A 58 -11.15 12.82 7.43
C PHE A 58 -10.74 13.76 6.30
N LYS A 59 -10.01 14.83 6.61
CA LYS A 59 -9.69 15.79 5.57
C LYS A 59 -8.75 15.18 4.52
N LEU A 60 -7.82 14.34 4.97
CA LEU A 60 -6.87 13.76 4.01
C LEU A 60 -7.48 12.63 3.19
N THR A 61 -8.25 11.73 3.82
CA THR A 61 -8.70 10.52 3.17
C THR A 61 -10.18 10.49 2.84
N GLY A 62 -10.99 11.34 3.48
CA GLY A 62 -12.41 11.23 3.36
C GLY A 62 -13.04 10.09 4.13
N ILE A 63 -12.25 9.36 4.93
CA ILE A 63 -12.77 8.26 5.75
C ILE A 63 -13.28 8.83 7.06
N SER A 64 -14.51 8.49 7.42
CA SER A 64 -15.10 8.85 8.70
C SER A 64 -15.40 7.60 9.52
N LYS A 65 -15.66 7.83 10.81
CA LYS A 65 -16.14 6.75 11.68
C LYS A 65 -17.36 6.05 11.09
N SER A 66 -18.26 6.81 10.46
CA SER A 66 -19.46 6.19 9.92
C SER A 66 -19.11 5.17 8.86
N LEU A 67 -18.15 5.51 7.99
CA LEU A 67 -17.75 4.58 6.95
C LEU A 67 -17.14 3.33 7.56
N LEU A 68 -16.27 3.48 8.55
CA LEU A 68 -15.65 2.29 9.16
C LEU A 68 -16.69 1.46 9.90
N ASP A 69 -17.66 2.11 10.54
CA ASP A 69 -18.73 1.37 11.20
C ASP A 69 -19.56 0.59 10.19
N GLN A 70 -19.84 1.19 9.02
CA GLN A 70 -20.74 0.58 8.06
C GLN A 70 -20.07 -0.47 7.19
N GLU A 71 -18.81 -0.24 6.79
CA GLU A 71 -18.13 -1.10 5.85
C GLU A 71 -16.90 -1.79 6.40
N GLY A 72 -16.45 -1.41 7.59
CA GLY A 72 -15.22 -1.97 8.12
C GLY A 72 -15.39 -3.43 8.52
N ARG A 73 -14.28 -4.16 8.42
CA ARG A 73 -14.20 -5.56 8.79
C ARG A 73 -13.13 -5.72 9.86
N ASP A 74 -13.21 -6.83 10.58
CA ASP A 74 -12.28 -7.09 11.67
C ASP A 74 -10.84 -7.16 11.18
N LEU A 75 -9.93 -6.46 11.86
CA LEU A 75 -8.55 -6.37 11.37
C LEU A 75 -7.89 -7.74 11.28
N LYS A 76 -8.05 -8.59 12.30
CA LYS A 76 -7.39 -9.90 12.25
C LYS A 76 -7.88 -10.72 11.06
N GLU A 77 -9.19 -10.73 10.85
N GLU A 77 -9.19 -10.73 10.85
CA GLU A 77 -9.76 -11.45 9.71
CA GLU A 77 -9.74 -11.47 9.71
C GLU A 77 -9.23 -10.92 8.40
C GLU A 77 -9.20 -10.91 8.39
N VAL A 78 -9.14 -9.59 8.27
CA VAL A 78 -8.66 -8.98 7.04
C VAL A 78 -7.20 -9.35 6.82
N LEU A 79 -6.40 -9.31 7.88
CA LEU A 79 -4.97 -9.60 7.74
C LEU A 79 -4.76 -11.05 7.33
N SER A 80 -5.56 -11.98 7.86
CA SER A 80 -5.45 -13.36 7.44
C SER A 80 -5.75 -13.50 5.95
N GLU A 81 -6.80 -12.81 5.47
CA GLU A 81 -7.11 -12.87 4.05
C GLU A 81 -6.01 -12.21 3.21
N PHE A 82 -5.44 -11.11 3.73
CA PHE A 82 -4.34 -10.44 3.04
C PHE A 82 -3.15 -11.37 2.87
N LEU A 83 -2.82 -12.14 3.92
CA LEU A 83 -1.73 -13.09 3.78
C LEU A 83 -2.01 -14.11 2.69
N LEU A 84 -3.26 -14.57 2.57
CA LEU A 84 -3.57 -15.54 1.52
C LEU A 84 -3.48 -14.90 0.14
N PHE A 85 -3.82 -13.63 0.04
CA PHE A 85 -3.78 -12.92 -1.24
C PHE A 85 -2.36 -12.71 -1.73
N ILE A 86 -1.44 -12.40 -0.83
CA ILE A 86 -0.08 -12.10 -1.25
C ILE A 86 0.81 -13.34 -1.32
N GLY A 87 0.51 -14.38 -0.55
CA GLY A 87 1.37 -15.56 -0.53
C GLY A 87 2.81 -15.15 -0.26
N ASP A 88 3.74 -15.76 -1.00
CA ASP A 88 5.16 -15.41 -0.90
C ASP A 88 5.63 -14.52 -2.05
N LEU A 89 4.72 -13.79 -2.68
N LEU A 89 4.73 -13.78 -2.68
CA LEU A 89 5.09 -12.96 -3.82
CA LEU A 89 5.10 -12.97 -3.82
C LEU A 89 5.90 -11.76 -3.38
C LEU A 89 5.89 -11.74 -3.38
N THR A 90 6.69 -11.23 -4.32
CA THR A 90 7.39 -9.97 -4.09
C THR A 90 6.39 -8.88 -3.84
N LEU A 91 6.64 -8.07 -2.80
CA LEU A 91 5.80 -6.93 -2.49
C LEU A 91 6.45 -5.64 -2.97
N VAL A 92 5.63 -4.72 -3.47
CA VAL A 92 6.06 -3.47 -4.06
C VAL A 92 5.25 -2.34 -3.45
N GLY A 93 5.90 -1.20 -3.22
CA GLY A 93 5.20 -0.08 -2.66
C GLY A 93 5.92 1.21 -2.94
N TYR A 94 5.47 2.26 -2.26
CA TYR A 94 6.08 3.59 -2.37
C TYR A 94 6.38 4.04 -0.94
N ASN A 95 7.66 4.08 -0.59
CA ASN A 95 8.09 4.18 0.81
C ASN A 95 7.49 3.02 1.60
N ILE A 96 7.75 1.82 1.08
CA ILE A 96 7.07 0.61 1.51
C ILE A 96 7.33 0.24 2.96
N HIS A 97 8.44 0.71 3.54
CA HIS A 97 8.67 0.38 4.95
C HIS A 97 7.54 0.88 5.84
N PHE A 98 6.87 1.98 5.45
CA PHE A 98 5.73 2.44 6.25
C PHE A 98 4.66 1.38 6.33
N ASP A 99 4.29 0.83 5.17
CA ASP A 99 3.24 -0.19 5.14
C ASP A 99 3.70 -1.47 5.85
N ILE A 100 4.94 -1.88 5.63
N ILE A 100 4.94 -1.88 5.62
CA ILE A 100 5.41 -3.13 6.24
CA ILE A 100 5.44 -3.12 6.23
C ILE A 100 5.50 -3.00 7.76
C ILE A 100 5.49 -2.99 7.74
N GLN A 101 5.95 -1.85 8.26
CA GLN A 101 6.06 -1.70 9.70
C GLN A 101 4.70 -1.84 10.37
N PHE A 102 3.67 -1.21 9.80
CA PHE A 102 2.33 -1.31 10.36
C PHE A 102 1.78 -2.72 10.22
N ILE A 103 1.91 -3.30 9.02
CA ILE A 103 1.33 -4.63 8.79
C ILE A 103 1.97 -5.67 9.71
N ASN A 104 3.30 -5.65 9.80
CA ASN A 104 3.97 -6.61 10.67
C ASN A 104 3.61 -6.37 12.13
N ASN A 105 3.47 -5.11 12.54
CA ASN A 105 3.12 -4.87 13.94
C ASN A 105 1.77 -5.51 14.26
N LYS A 106 0.81 -5.39 13.35
CA LYS A 106 -0.53 -5.89 13.62
C LYS A 106 -0.60 -7.40 13.43
N LEU A 107 0.11 -7.95 12.43
CA LEU A 107 0.23 -9.39 12.34
C LEU A 107 0.75 -9.95 13.65
N ASN A 108 1.82 -9.35 14.18
CA ASN A 108 2.39 -9.87 15.42
C ASN A 108 1.40 -9.79 16.56
N LYS A 109 0.71 -8.65 16.69
CA LYS A 109 -0.26 -8.43 17.75
C LYS A 109 -1.31 -9.53 17.79
N PHE A 110 -1.74 -9.99 16.62
CA PHE A 110 -2.80 -10.99 16.53
C PHE A 110 -2.26 -12.43 16.45
N GLY A 111 -0.96 -12.63 16.63
CA GLY A 111 -0.41 -13.97 16.55
C GLY A 111 -0.44 -14.59 15.17
N LEU A 112 -0.37 -13.76 14.13
CA LEU A 112 -0.33 -14.23 12.75
C LEU A 112 1.09 -14.22 12.22
N PRO A 113 1.38 -15.02 11.19
CA PRO A 113 2.74 -15.01 10.61
C PRO A 113 3.11 -13.62 10.15
N LEU A 114 4.39 -13.28 10.29
CA LEU A 114 4.90 -12.00 9.80
C LEU A 114 5.36 -12.13 8.35
N LEU A 115 5.52 -10.98 7.69
CA LEU A 115 5.93 -10.97 6.30
C LEU A 115 7.40 -11.34 6.18
N ILE A 116 7.71 -12.27 5.27
CA ILE A 116 9.09 -12.54 4.88
C ILE A 116 9.30 -12.30 3.39
N ASN A 117 8.35 -11.65 2.72
CA ASN A 117 8.43 -11.47 1.28
C ASN A 117 9.59 -10.55 0.90
N LYS A 118 10.17 -10.81 -0.28
CA LYS A 118 11.04 -9.84 -0.91
C LYS A 118 10.25 -8.58 -1.22
N THR A 119 10.95 -7.45 -1.28
CA THR A 119 10.30 -6.17 -1.49
C THR A 119 11.10 -5.31 -2.46
N HIS A 120 10.39 -4.45 -3.17
CA HIS A 120 10.96 -3.39 -3.98
C HIS A 120 10.20 -2.10 -3.71
N ASP A 121 10.92 -0.99 -3.61
CA ASP A 121 10.31 0.30 -3.30
C ASP A 121 10.41 1.21 -4.53
N ILE A 122 9.26 1.50 -5.14
CA ILE A 122 9.24 2.35 -6.34
C ILE A 122 9.86 3.71 -6.05
N MET A 123 9.71 4.22 -4.83
N MET A 123 9.71 4.21 -4.83
CA MET A 123 10.27 5.51 -4.49
CA MET A 123 10.26 5.53 -4.51
C MET A 123 11.78 5.52 -4.68
C MET A 123 11.78 5.54 -4.63
N ARG A 124 12.43 4.41 -4.34
CA ARG A 124 13.88 4.35 -4.50
C ARG A 124 14.28 4.47 -5.96
N TYR A 125 13.51 3.82 -6.85
CA TYR A 125 13.79 3.90 -8.27
C TYR A 125 13.51 5.30 -8.80
N VAL A 126 12.45 5.95 -8.31
CA VAL A 126 12.13 7.30 -8.77
C VAL A 126 13.25 8.26 -8.37
N LYS A 127 13.73 8.18 -7.13
CA LYS A 127 14.77 9.09 -6.68
C LYS A 127 16.02 8.97 -7.54
N ASP A 128 16.28 7.80 -8.09
CA ASP A 128 17.47 7.61 -8.93
C ASP A 128 17.24 8.02 -10.37
N GLU A 129 15.98 8.02 -10.83
CA GLU A 129 15.66 8.37 -12.21
C GLU A 129 15.27 9.84 -12.37
N LYS A 130 14.57 10.40 -11.39
CA LYS A 130 14.07 11.77 -11.43
C LYS A 130 14.79 12.59 -10.36
N LEU A 131 15.97 13.09 -10.72
CA LEU A 131 16.83 13.75 -9.74
C LEU A 131 16.38 15.17 -9.39
N PHE A 132 15.62 15.82 -10.26
CA PHE A 132 15.32 17.24 -10.14
C PHE A 132 13.91 17.51 -9.61
N LEU A 133 13.27 16.52 -9.02
CA LEU A 133 11.93 16.73 -8.49
C LEU A 133 11.98 17.63 -7.27
N ASP A 134 10.93 18.44 -7.11
CA ASP A 134 10.87 19.35 -5.97
C ASP A 134 10.83 18.59 -4.66
N ASN A 135 10.08 17.49 -4.62
CA ASN A 135 10.10 16.58 -3.49
C ASN A 135 9.73 15.19 -4.01
N TYR A 136 9.65 14.21 -3.10
CA TYR A 136 9.43 12.84 -3.51
C TYR A 136 8.16 12.24 -2.89
N GLN A 137 7.22 13.08 -2.53
CA GLN A 137 5.87 12.60 -2.26
C GLN A 137 5.35 11.86 -3.50
N LEU A 138 4.47 10.88 -3.27
CA LEU A 138 3.91 10.11 -4.38
C LEU A 138 3.33 11.02 -5.45
N GLN A 139 2.57 12.04 -5.04
CA GLN A 139 1.94 12.92 -6.02
C GLN A 139 2.98 13.54 -6.95
N THR A 140 4.09 14.00 -6.39
CA THR A 140 5.15 14.61 -7.19
C THR A 140 5.77 13.60 -8.14
N ALA A 141 5.96 12.36 -7.69
CA ALA A 141 6.52 11.33 -8.55
C ALA A 141 5.59 11.02 -9.71
N LEU A 142 4.29 10.93 -9.44
CA LEU A 142 3.33 10.58 -10.48
C LEU A 142 3.40 11.58 -11.63
N LYS A 143 3.37 12.87 -11.31
CA LYS A 143 3.39 13.89 -12.36
C LYS A 143 4.66 13.79 -13.20
N SER A 144 5.81 13.53 -12.57
CA SER A 144 7.07 13.41 -13.30
C SER A 144 7.03 12.31 -14.35
N TYR A 145 6.13 11.34 -14.22
CA TYR A 145 5.99 10.25 -15.17
C TYR A 145 4.75 10.38 -16.04
N GLY A 146 4.12 11.56 -16.04
CA GLY A 146 2.96 11.78 -16.88
C GLY A 146 1.66 11.25 -16.32
N ILE A 147 1.60 10.98 -15.02
CA ILE A 147 0.37 10.54 -14.36
C ILE A 147 -0.18 11.75 -13.61
N GLU A 148 -1.31 12.28 -14.05
CA GLU A 148 -1.83 13.53 -13.53
C GLU A 148 -2.92 13.33 -12.48
N ASP A 149 -3.18 12.09 -12.08
CA ASP A 149 -4.20 11.82 -11.07
C ASP A 149 -3.84 12.49 -9.76
N SER A 150 -4.86 13.07 -9.10
CA SER A 150 -4.68 13.50 -7.73
C SER A 150 -4.65 12.27 -6.83
N VAL A 151 -3.76 12.28 -5.85
CA VAL A 151 -3.64 11.16 -4.91
C VAL A 151 -4.81 11.22 -3.95
N PRO A 152 -5.70 10.22 -3.91
CA PRO A 152 -6.88 10.31 -3.04
C PRO A 152 -6.64 9.93 -1.60
N HIS A 153 -5.52 9.29 -1.29
CA HIS A 153 -5.24 8.82 0.06
C HIS A 153 -6.29 7.80 0.51
N ARG A 154 -6.58 6.87 -0.39
CA ARG A 154 -7.37 5.69 -0.10
C ARG A 154 -6.56 4.50 -0.58
N ALA A 155 -6.60 3.41 0.19
CA ALA A 155 -5.57 2.37 0.06
C ALA A 155 -5.54 1.74 -1.32
N LEU A 156 -6.69 1.24 -1.79
CA LEU A 156 -6.68 0.58 -3.11
C LEU A 156 -6.47 1.61 -4.22
N LYS A 157 -7.07 2.79 -4.08
CA LYS A 157 -6.91 3.81 -5.11
C LYS A 157 -5.44 4.23 -5.22
N ASP A 158 -4.77 4.38 -4.08
CA ASP A 158 -3.35 4.71 -4.10
C ASP A 158 -2.54 3.53 -4.64
N ALA A 159 -2.90 2.30 -4.27
CA ALA A 159 -2.17 1.14 -4.80
C ALA A 159 -2.26 1.09 -6.32
N ARG A 160 -3.42 1.40 -6.88
CA ARG A 160 -3.56 1.44 -8.34
C ARG A 160 -2.61 2.45 -8.95
N LEU A 161 -2.49 3.63 -8.33
CA LEU A 161 -1.59 4.65 -8.85
C LEU A 161 -0.14 4.20 -8.77
N ILE A 162 0.24 3.56 -7.65
CA ILE A 162 1.60 3.05 -7.54
C ILE A 162 1.85 1.94 -8.55
N TYR A 163 0.83 1.11 -8.82
CA TYR A 163 0.99 0.07 -9.83
C TYR A 163 1.23 0.70 -11.21
N HIS A 164 0.39 1.67 -11.58
N HIS A 164 0.39 1.67 -11.58
CA HIS A 164 0.59 2.36 -12.85
CA HIS A 164 0.59 2.36 -12.86
C HIS A 164 2.00 2.93 -12.93
C HIS A 164 1.99 2.95 -12.93
N LEU A 165 2.43 3.62 -11.87
CA LEU A 165 3.79 4.13 -11.83
C LEU A 165 4.80 3.02 -12.08
N SER A 166 4.62 1.85 -11.45
CA SER A 166 5.61 0.80 -11.57
C SER A 166 5.79 0.34 -13.01
N THR A 167 4.73 0.40 -13.83
CA THR A 167 4.83 0.02 -15.23
C THR A 167 5.56 1.06 -16.07
N LYS A 168 5.93 2.20 -15.50
CA LYS A 168 6.63 3.26 -16.22
C LYS A 168 8.06 3.48 -15.75
N VAL A 169 8.54 2.71 -14.77
CA VAL A 169 9.87 2.90 -14.19
C VAL A 169 10.75 1.80 -14.74
N ASN A 170 11.60 2.16 -15.71
CA ASN A 170 12.29 1.15 -16.50
C ASN A 170 13.24 0.31 -15.67
N LYS A 171 13.94 0.93 -14.70
CA LYS A 171 14.86 0.16 -13.88
C LYS A 171 14.12 -0.91 -13.08
N PHE A 172 12.95 -0.56 -12.55
CA PHE A 172 12.14 -1.56 -11.87
C PHE A 172 11.71 -2.66 -12.83
N LEU A 173 11.26 -2.29 -14.02
CA LEU A 173 10.82 -3.28 -15.00
C LEU A 173 11.93 -4.25 -15.33
N ALA A 174 13.16 -3.74 -15.53
CA ALA A 174 14.28 -4.62 -15.84
C ALA A 174 14.53 -5.62 -14.71
N ARG A 175 14.45 -5.15 -13.47
N ARG A 175 14.45 -5.15 -13.47
CA ARG A 175 14.72 -6.05 -12.34
CA ARG A 175 14.70 -6.02 -12.32
C ARG A 175 13.66 -7.14 -12.24
C ARG A 175 13.67 -7.13 -12.23
N MET A 176 12.44 -6.87 -12.64
CA MET A 176 11.34 -7.83 -12.49
C MET A 176 11.19 -8.77 -13.69
N LYS A 177 12.01 -8.62 -14.73
CA LYS A 177 11.94 -9.52 -15.87
C LYS A 177 12.47 -10.91 -15.49
C1 GOL B . 3.59 -14.35 5.50
O1 GOL B . 4.48 -15.10 6.27
C2 GOL B . 4.22 -14.29 4.09
O2 GOL B . 5.41 -13.59 4.09
C3 GOL B . 4.40 -15.77 3.70
O3 GOL B . 5.30 -15.82 2.61
H11 GOL B . 3.46 -13.45 5.84
H12 GOL B . 2.70 -14.74 5.45
HO1 GOL B . 4.60 -14.67 6.98
H2 GOL B . 3.65 -13.82 3.47
H31 GOL B . 4.71 -16.27 4.47
H32 GOL B . 3.53 -16.15 3.48
HO3 GOL B . 5.84 -16.48 2.76
MG MG C . -2.50 5.49 0.69
MG MG D . -0.12 5.54 2.05
#